data_8WSM
#
_entry.id   8WSM
#
_cell.length_a   96.997
_cell.length_b   96.997
_cell.length_c   266.057
_cell.angle_alpha   90.000
_cell.angle_beta   90.000
_cell.angle_gamma   120.000
#
_symmetry.space_group_name_H-M   'P 61 2 2'
#
loop_
_entity.id
_entity.type
_entity.pdbx_description
1 polymer 'NACHT, LRR and PYD domains-containing protein 3'
2 non-polymer 'MAGNESIUM ION'
3 non-polymer "ADENOSINE-5'-DIPHOSPHATE"
4 non-polymer 2-[[2-methyl-5-(trifluoromethyl)phenyl]amino]-~{N}-(1,4-oxazepan-4-ylsulfonyl)-1,3-oxazole-4-carboxamide
5 water water
#
_entity_poly.entity_id   1
_entity_poly.type   'polypeptide(L)'
_entity_poly.pdbx_seq_one_letter_code
;GKMKKDYRKKYRKYVRSRFQCIEDRNARLGESVSLNKRYTRLRLIKEHRSQQEREQELLAIGKTKTCESPVSPIKMELLF
DPDDEHSEPVHTVVFQGAAGIGKTILARKMMLDWASGTLYQDRFDYLFYIHCREVSLVTQRSLGDLIMSCCPDPNPPIHK
IVRKPSRILFLMDGFDELQGAFDEHIGPLCTDWQKAERGDILLSSLIRKKLLPEASLLITTRPVALEKLQHLLDHPRHVE
ILGFSEAKRKEYFFKYFSDEAQARAAFSLIQENEVLFTMCFIPLVCWIVCTGLKQQMESGKSLAQTSKTTTAVYVFFLSS
LLQPRGGSQEHGLCAHLWGLCSLAADGIWNQKILFEESDLRNHGLQKADVSAFLRMNLFQKEVDCEKFYSFIHMTFQEFF
AAMYYLLEEEKEGRTNVPGSRLKLPSRDVTVLLENYGKFEKGYLIFVVRFLFGLVNQERTSYLEKKLSCKISQQIRLELL
KWIEVKAKAKKLQIQPSQLELFYCLYEMQEEDFVQRAMDYFPKIEINLSTRMDHMVSSFCIENCHRVESL
;
_entity_poly.pdbx_strand_id   A
#
loop_
_chem_comp.id
_chem_comp.type
_chem_comp.name
_chem_comp.formula
ADP non-polymer ADENOSINE-5'-DIPHOSPHATE 'C10 H15 N5 O10 P2'
MG non-polymer 'MAGNESIUM ION' 'Mg 2'
XE3 non-polymer 2-[[2-methyl-5-(trifluoromethyl)phenyl]amino]-~{N}-(1,4-oxazepan-4-ylsulfonyl)-1,3-oxazole-4-carboxamide 'C17 H19 F3 N4 O5 S'
#
# COMPACT_ATOMS: atom_id res chain seq x y z
N LYS A 5 32.20 -7.58 -15.17
CA LYS A 5 32.10 -7.47 -13.72
C LYS A 5 32.70 -6.16 -13.22
N ASP A 6 33.52 -5.54 -14.08
CA ASP A 6 34.19 -4.30 -13.70
C ASP A 6 33.18 -3.28 -13.17
N TYR A 7 32.05 -3.11 -13.87
CA TYR A 7 31.02 -2.19 -13.44
C TYR A 7 29.96 -2.85 -12.56
N ARG A 8 29.81 -4.17 -12.66
CA ARG A 8 28.87 -4.87 -11.80
C ARG A 8 29.23 -4.70 -10.33
N LYS A 9 30.53 -4.79 -10.01
CA LYS A 9 30.96 -4.62 -8.63
C LYS A 9 30.64 -3.21 -8.13
N LYS A 10 30.88 -2.20 -8.96
CA LYS A 10 30.58 -0.84 -8.55
C LYS A 10 29.09 -0.66 -8.29
N TYR A 11 28.27 -1.31 -9.12
CA TYR A 11 26.82 -1.18 -8.97
C TYR A 11 26.33 -1.90 -7.71
N ARG A 12 26.74 -3.16 -7.53
CA ARG A 12 26.35 -3.89 -6.33
C ARG A 12 26.77 -3.16 -5.06
N LYS A 13 27.91 -2.48 -5.09
CA LYS A 13 28.30 -1.66 -3.94
C LYS A 13 27.28 -0.56 -3.69
N TYR A 14 26.84 0.12 -4.75
CA TYR A 14 25.84 1.16 -4.59
C TYR A 14 24.51 0.60 -4.10
N VAL A 15 24.18 -0.64 -4.47
CA VAL A 15 22.92 -1.23 -4.06
C VAL A 15 22.95 -1.58 -2.58
N ARG A 16 24.10 -2.05 -2.08
CA ARG A 16 24.21 -2.38 -0.67
C ARG A 16 24.19 -1.14 0.22
N SER A 17 24.41 0.04 -0.35
CA SER A 17 24.34 1.28 0.43
C SER A 17 22.92 1.80 0.54
N ARG A 18 22.17 1.81 -0.57
CA ARG A 18 20.81 2.37 -0.53
C ARG A 18 19.86 1.43 0.20
N PHE A 19 19.86 0.15 -0.16
CA PHE A 19 18.92 -0.82 0.39
C PHE A 19 19.43 -1.48 1.66
N GLN A 20 20.28 -0.78 2.42
CA GLN A 20 20.76 -1.32 3.69
C GLN A 20 19.67 -1.26 4.76
N CYS A 21 18.77 -0.30 4.68
CA CYS A 21 17.70 -0.09 5.65
C CYS A 21 16.34 -0.13 4.94
N ILE A 22 15.28 -0.06 5.75
CA ILE A 22 13.92 -0.01 5.21
C ILE A 22 13.57 1.40 4.71
N GLU A 23 14.25 2.42 5.21
CA GLU A 23 13.97 3.80 4.82
C GLU A 23 14.13 3.99 3.31
N VAL A 33 16.78 2.26 10.71
CA VAL A 33 16.47 0.88 11.07
C VAL A 33 17.07 -0.07 10.04
N SER A 34 18.05 -0.87 10.49
CA SER A 34 18.66 -1.86 9.62
C SER A 34 17.61 -2.82 9.08
N LEU A 35 17.64 -3.05 7.77
CA LEU A 35 16.66 -3.94 7.15
C LEU A 35 16.78 -5.35 7.72
N ASN A 36 18.00 -5.84 7.92
CA ASN A 36 18.20 -7.17 8.48
C ASN A 36 17.80 -7.22 9.96
N LYS A 37 17.75 -6.08 10.64
CA LYS A 37 17.45 -6.10 12.08
C LYS A 37 15.98 -6.37 12.33
N ARG A 38 15.09 -5.59 11.72
CA ARG A 38 13.67 -5.67 12.00
C ARG A 38 12.89 -6.46 10.95
N TYR A 39 13.55 -6.93 9.88
CA TYR A 39 12.85 -7.73 8.89
C TYR A 39 12.35 -9.03 9.52
N THR A 40 11.11 -9.39 9.20
CA THR A 40 10.48 -10.60 9.73
C THR A 40 9.90 -11.39 8.56
N ARG A 41 10.25 -12.68 8.50
CA ARG A 41 9.89 -13.51 7.37
C ARG A 41 8.40 -13.38 7.02
N LEU A 42 8.13 -13.16 5.75
CA LEU A 42 6.78 -13.12 5.21
C LEU A 42 6.42 -14.47 4.60
N ARG A 43 5.12 -14.70 4.43
CA ARG A 43 4.60 -15.94 3.89
C ARG A 43 4.24 -15.75 2.43
N LEU A 44 4.81 -16.58 1.56
CA LEU A 44 4.53 -16.56 0.13
C LEU A 44 3.97 -17.91 -0.30
N ILE A 45 2.95 -17.88 -1.16
CA ILE A 45 2.36 -19.09 -1.72
C ILE A 45 2.27 -18.93 -3.23
N LYS A 46 2.50 -20.03 -3.94
CA LYS A 46 2.54 -20.01 -5.39
C LYS A 46 1.13 -20.13 -5.97
N GLU A 47 0.98 -19.62 -7.18
CA GLU A 47 -0.29 -19.66 -7.93
C GLU A 47 -1.50 -19.40 -7.02
N SER A 72 1.31 -23.66 -2.76
CA SER A 72 2.31 -24.23 -1.88
C SER A 72 3.41 -23.21 -1.55
N PRO A 73 4.16 -23.45 -0.48
CA PRO A 73 5.25 -22.53 -0.14
C PRO A 73 6.26 -22.42 -1.27
N ILE A 74 6.76 -21.21 -1.49
CA ILE A 74 7.68 -20.91 -2.57
C ILE A 74 8.99 -20.41 -1.98
N LYS A 75 10.10 -20.84 -2.58
CA LYS A 75 11.44 -20.44 -2.15
C LYS A 75 12.00 -19.39 -3.11
N MET A 76 12.60 -18.35 -2.55
CA MET A 76 13.06 -17.23 -3.36
C MET A 76 13.98 -17.68 -4.48
N GLU A 77 15.04 -18.42 -4.15
CA GLU A 77 16.02 -18.78 -5.16
C GLU A 77 15.37 -19.47 -6.35
N LEU A 78 14.34 -20.28 -6.10
CA LEU A 78 13.67 -21.05 -7.14
C LEU A 78 12.54 -20.29 -7.79
N LEU A 79 12.44 -18.98 -7.57
CA LEU A 79 11.29 -18.22 -8.03
C LEU A 79 11.19 -18.20 -9.55
N PHE A 80 12.32 -18.27 -10.25
CA PHE A 80 12.35 -18.24 -11.71
C PHE A 80 12.67 -19.61 -12.30
N ASP A 81 12.41 -20.69 -11.57
CA ASP A 81 12.64 -22.03 -12.10
C ASP A 81 11.37 -22.56 -12.75
N PRO A 82 11.46 -23.30 -13.89
CA PRO A 82 10.23 -23.77 -14.55
C PRO A 82 9.61 -24.97 -13.85
N ASP A 83 8.69 -25.64 -14.54
CA ASP A 83 8.07 -26.86 -14.03
C ASP A 83 8.18 -27.97 -15.06
N SER A 87 9.25 -27.33 -19.08
CA SER A 87 8.35 -26.23 -19.39
C SER A 87 9.15 -24.99 -19.82
N GLU A 88 8.45 -24.01 -20.39
CA GLU A 88 9.11 -22.80 -20.85
C GLU A 88 9.73 -22.04 -19.67
N PRO A 89 10.69 -21.16 -19.94
CA PRO A 89 11.32 -20.41 -18.84
C PRO A 89 10.39 -19.35 -18.29
N VAL A 90 10.58 -19.04 -17.01
CA VAL A 90 9.73 -18.11 -16.28
C VAL A 90 10.41 -16.76 -16.28
N HIS A 91 9.87 -15.83 -17.07
CA HIS A 91 10.43 -14.49 -17.19
C HIS A 91 9.64 -13.43 -16.43
N THR A 92 8.39 -13.71 -16.04
CA THR A 92 7.55 -12.74 -15.36
C THR A 92 6.98 -13.36 -14.10
N VAL A 93 7.17 -12.69 -12.97
CA VAL A 93 6.63 -13.10 -11.70
C VAL A 93 5.87 -11.92 -11.12
N VAL A 94 4.64 -12.17 -10.65
CA VAL A 94 3.75 -11.14 -10.13
C VAL A 94 3.51 -11.41 -8.66
N PHE A 95 3.74 -10.40 -7.83
CA PHE A 95 3.49 -10.47 -6.40
C PHE A 95 2.21 -9.71 -6.10
N GLN A 96 1.17 -10.44 -5.71
CA GLN A 96 -0.07 -9.86 -5.22
C GLN A 96 0.04 -9.62 -3.73
N GLY A 97 -0.37 -8.45 -3.28
CA GLY A 97 -0.30 -8.16 -1.86
C GLY A 97 -1.19 -7.03 -1.40
N ALA A 98 -1.74 -7.18 -0.20
CA ALA A 98 -2.56 -6.13 0.38
C ALA A 98 -1.70 -4.90 0.70
N ALA A 99 -2.36 -3.75 0.79
CA ALA A 99 -1.68 -2.55 1.26
C ALA A 99 -1.08 -2.82 2.63
N GLY A 100 0.16 -2.39 2.82
CA GLY A 100 0.85 -2.62 4.08
C GLY A 100 1.30 -4.05 4.30
N ILE A 101 1.12 -4.95 3.33
CA ILE A 101 1.50 -6.34 3.56
C ILE A 101 3.01 -6.52 3.53
N GLY A 102 3.74 -5.62 2.88
CA GLY A 102 5.19 -5.70 2.83
C GLY A 102 5.74 -5.96 1.44
N LYS A 103 5.08 -5.41 0.41
CA LYS A 103 5.61 -5.52 -0.95
C LYS A 103 6.93 -4.78 -1.07
N THR A 104 6.97 -3.52 -0.66
CA THR A 104 8.17 -2.72 -0.80
C THR A 104 9.31 -3.26 0.06
N ILE A 105 9.01 -3.65 1.30
CA ILE A 105 10.04 -4.18 2.18
C ILE A 105 10.65 -5.44 1.58
N LEU A 106 9.84 -6.24 0.90
CA LEU A 106 10.34 -7.47 0.31
C LEU A 106 11.19 -7.17 -0.92
N ALA A 107 10.75 -6.22 -1.76
CA ALA A 107 11.55 -5.82 -2.91
C ALA A 107 12.91 -5.30 -2.48
N ARG A 108 12.94 -4.47 -1.43
CA ARG A 108 14.22 -3.96 -0.94
C ARG A 108 15.08 -5.08 -0.35
N LYS A 109 14.44 -6.05 0.30
CA LYS A 109 15.18 -7.17 0.84
C LYS A 109 15.83 -8.00 -0.28
N MET A 110 15.14 -8.11 -1.42
CA MET A 110 15.71 -8.84 -2.55
C MET A 110 16.89 -8.09 -3.15
N MET A 111 16.75 -6.78 -3.33
CA MET A 111 17.87 -5.97 -3.80
C MET A 111 19.10 -6.18 -2.94
N LEU A 112 18.90 -6.18 -1.61
CA LEU A 112 20.03 -6.28 -0.70
C LEU A 112 20.67 -7.66 -0.74
N ASP A 113 19.84 -8.72 -0.66
CA ASP A 113 20.39 -10.07 -0.67
C ASP A 113 21.16 -10.34 -1.95
N TRP A 114 20.61 -9.94 -3.10
CA TRP A 114 21.32 -10.13 -4.36
C TRP A 114 22.63 -9.36 -4.39
N ALA A 115 22.58 -8.07 -4.02
CA ALA A 115 23.79 -7.26 -3.99
C ALA A 115 24.84 -7.86 -3.07
N SER A 116 24.41 -8.55 -2.01
CA SER A 116 25.33 -9.22 -1.10
C SER A 116 25.75 -10.60 -1.59
N GLY A 117 25.33 -11.01 -2.78
CA GLY A 117 25.69 -12.32 -3.30
C GLY A 117 24.96 -13.48 -2.68
N THR A 118 23.89 -13.23 -1.93
CA THR A 118 23.10 -14.29 -1.31
C THR A 118 22.04 -14.85 -2.23
N LEU A 119 21.58 -14.08 -3.22
CA LEU A 119 20.39 -14.42 -3.99
C LEU A 119 20.63 -14.16 -5.47
N TYR A 120 20.34 -15.16 -6.29
CA TYR A 120 20.43 -15.06 -7.75
C TYR A 120 21.84 -14.73 -8.22
N GLN A 121 22.85 -15.09 -7.41
CA GLN A 121 24.23 -14.78 -7.75
C GLN A 121 24.58 -15.28 -9.14
N ASP A 122 24.15 -16.49 -9.47
CA ASP A 122 24.47 -17.12 -10.75
C ASP A 122 23.51 -16.76 -11.87
N ARG A 123 22.41 -16.07 -11.58
CA ARG A 123 21.34 -15.85 -12.54
C ARG A 123 21.38 -14.47 -13.19
N PHE A 124 21.42 -13.40 -12.39
CA PHE A 124 21.29 -12.05 -12.91
C PHE A 124 22.55 -11.25 -12.63
N ASP A 125 23.09 -10.61 -13.66
CA ASP A 125 24.17 -9.66 -13.51
C ASP A 125 23.70 -8.31 -13.00
N TYR A 126 22.39 -8.02 -13.09
CA TYR A 126 21.88 -6.72 -12.70
C TYR A 126 20.45 -6.84 -12.22
N LEU A 127 20.15 -6.15 -11.12
CA LEU A 127 18.79 -5.91 -10.67
C LEU A 127 18.59 -4.40 -10.62
N PHE A 128 17.53 -3.92 -11.27
CA PHE A 128 17.19 -2.50 -11.27
C PHE A 128 15.83 -2.32 -10.59
N TYR A 129 15.81 -1.45 -9.60
CA TYR A 129 14.62 -1.19 -8.79
C TYR A 129 13.86 0.00 -9.37
N ILE A 130 12.65 -0.24 -9.84
CA ILE A 130 11.79 0.79 -10.41
C ILE A 130 10.67 1.05 -9.40
N HIS A 131 10.70 2.24 -8.79
CA HIS A 131 9.65 2.64 -7.84
C HIS A 131 8.54 3.30 -8.64
N CYS A 132 7.47 2.53 -8.90
CA CYS A 132 6.45 2.99 -9.85
C CYS A 132 5.90 4.37 -9.49
N ARG A 133 5.82 4.71 -8.21
CA ARG A 133 5.27 6.00 -7.81
C ARG A 133 6.08 7.17 -8.34
N GLU A 134 7.33 6.95 -8.72
CA GLU A 134 8.18 8.01 -9.25
C GLU A 134 8.17 8.09 -10.77
N VAL A 135 7.61 7.09 -11.45
CA VAL A 135 7.68 7.01 -12.91
C VAL A 135 6.46 7.72 -13.49
N SER A 136 6.68 8.88 -14.10
CA SER A 136 5.60 9.55 -14.82
C SER A 136 5.11 8.65 -15.95
N LEU A 137 3.80 8.69 -16.18
CA LEU A 137 3.20 7.98 -17.30
C LEU A 137 3.07 8.86 -18.54
N VAL A 138 3.51 10.10 -18.48
CA VAL A 138 3.40 11.03 -19.60
C VAL A 138 4.75 11.36 -20.20
N THR A 139 5.75 11.61 -19.36
CA THR A 139 7.06 12.03 -19.83
C THR A 139 7.64 11.00 -20.80
N GLN A 140 8.08 11.47 -21.97
CA GLN A 140 8.74 10.59 -22.92
C GLN A 140 10.13 10.24 -22.40
N ARG A 141 10.47 8.95 -22.47
CA ARG A 141 11.66 8.43 -21.84
C ARG A 141 12.04 7.14 -22.54
N SER A 142 13.33 6.81 -22.50
CA SER A 142 13.81 5.55 -23.06
C SER A 142 14.09 4.56 -21.93
N LEU A 143 14.04 3.27 -22.28
CA LEU A 143 14.43 2.25 -21.31
C LEU A 143 15.88 2.45 -20.87
N GLY A 144 16.74 2.92 -21.78
CA GLY A 144 18.08 3.29 -21.38
C GLY A 144 18.10 4.38 -20.33
N ASP A 145 17.35 5.46 -20.57
CA ASP A 145 17.22 6.50 -19.57
C ASP A 145 16.73 5.93 -18.24
N LEU A 146 15.78 5.00 -18.27
CA LEU A 146 15.28 4.43 -17.04
C LEU A 146 16.36 3.64 -16.31
N ILE A 147 17.10 2.81 -17.05
CA ILE A 147 18.18 2.05 -16.42
C ILE A 147 19.24 2.99 -15.88
N MET A 148 19.63 4.00 -16.66
CA MET A 148 20.69 4.91 -16.23
C MET A 148 20.31 5.66 -14.96
N SER A 149 19.01 5.91 -14.75
CA SER A 149 18.59 6.61 -13.54
C SER A 149 18.65 5.73 -12.31
N CYS A 150 18.64 4.41 -12.48
CA CYS A 150 18.86 3.48 -11.38
C CYS A 150 20.33 3.37 -11.00
N CYS A 151 21.24 4.00 -11.77
CA CYS A 151 22.66 3.88 -11.52
C CYS A 151 23.18 5.04 -10.70
N PRO A 152 24.26 4.84 -9.94
CA PRO A 152 24.76 5.91 -9.07
C PRO A 152 25.44 7.03 -9.83
N ASP A 153 26.07 6.74 -10.97
CA ASP A 153 26.82 7.71 -11.74
C ASP A 153 26.02 8.19 -12.94
N PRO A 154 26.36 9.36 -13.49
CA PRO A 154 25.59 9.88 -14.63
C PRO A 154 25.93 9.21 -15.96
N ASN A 155 27.19 8.79 -16.14
CA ASN A 155 27.61 8.18 -17.40
C ASN A 155 27.94 6.71 -17.22
N PRO A 156 26.93 5.84 -17.05
CA PRO A 156 27.21 4.41 -16.90
C PRO A 156 27.40 3.74 -18.24
N PRO A 157 27.95 2.53 -18.28
CA PRO A 157 28.11 1.79 -19.54
C PRO A 157 26.83 1.09 -19.96
N ILE A 158 25.85 1.88 -20.40
CA ILE A 158 24.52 1.33 -20.67
C ILE A 158 24.59 0.27 -21.75
N HIS A 159 25.35 0.54 -22.81
CA HIS A 159 25.43 -0.43 -23.91
C HIS A 159 26.05 -1.75 -23.47
N LYS A 160 26.90 -1.72 -22.44
CA LYS A 160 27.43 -2.97 -21.89
C LYS A 160 26.37 -3.68 -21.05
N ILE A 161 25.68 -2.93 -20.20
CA ILE A 161 24.63 -3.50 -19.35
C ILE A 161 23.64 -4.29 -20.19
N VAL A 162 23.31 -3.78 -21.38
CA VAL A 162 22.25 -4.34 -22.21
C VAL A 162 22.73 -5.46 -23.14
N ARG A 163 24.03 -5.80 -23.11
CA ARG A 163 24.52 -6.83 -24.02
C ARG A 163 23.90 -8.19 -23.74
N LYS A 164 23.48 -8.45 -22.50
CA LYS A 164 22.91 -9.73 -22.09
C LYS A 164 21.61 -9.48 -21.36
N PRO A 165 20.53 -9.18 -22.09
CA PRO A 165 19.26 -8.87 -21.42
C PRO A 165 18.76 -10.01 -20.53
N SER A 166 19.02 -11.27 -20.89
CA SER A 166 18.61 -12.38 -20.03
C SER A 166 19.26 -12.30 -18.65
N ARG A 167 20.30 -11.48 -18.47
CA ARG A 167 20.97 -11.33 -17.20
C ARG A 167 20.47 -10.15 -16.39
N ILE A 168 19.34 -9.55 -16.80
CA ILE A 168 18.75 -8.41 -16.10
C ILE A 168 17.42 -8.84 -15.47
N LEU A 169 17.16 -8.36 -14.26
CA LEU A 169 15.88 -8.52 -13.60
C LEU A 169 15.37 -7.13 -13.24
N PHE A 170 14.22 -6.76 -13.80
CA PHE A 170 13.58 -5.50 -13.48
C PHE A 170 12.59 -5.72 -12.34
N LEU A 171 12.75 -4.96 -11.27
CA LEU A 171 11.85 -4.99 -10.12
C LEU A 171 10.95 -3.77 -10.18
N MET A 172 9.70 -3.98 -10.59
CA MET A 172 8.68 -2.92 -10.58
C MET A 172 7.90 -3.02 -9.27
N ASP A 173 8.07 -2.02 -8.42
CA ASP A 173 7.45 -2.02 -7.10
C ASP A 173 6.23 -1.10 -7.11
N GLY A 174 5.08 -1.64 -6.73
CA GLY A 174 3.88 -0.84 -6.56
C GLY A 174 3.26 -0.41 -7.87
N PHE A 175 2.90 -1.39 -8.70
CA PHE A 175 2.23 -1.07 -9.96
C PHE A 175 1.00 -0.22 -9.73
N ASP A 176 0.23 -0.56 -8.68
CA ASP A 176 -0.98 0.19 -8.37
C ASP A 176 -0.71 1.65 -8.07
N GLU A 177 0.52 2.01 -7.69
CA GLU A 177 0.85 3.38 -7.32
C GLU A 177 1.28 4.24 -8.50
N LEU A 178 1.23 3.72 -9.73
CA LEU A 178 1.39 4.59 -10.89
C LEU A 178 0.33 5.68 -10.86
N GLN A 179 0.76 6.94 -11.01
CA GLN A 179 -0.15 8.07 -11.00
C GLN A 179 -0.73 8.28 -12.39
N GLY A 180 -2.05 8.38 -12.47
CA GLY A 180 -2.73 8.60 -13.73
C GLY A 180 -3.42 7.34 -14.24
N ALA A 181 -3.88 7.44 -15.49
CA ALA A 181 -4.58 6.35 -16.15
C ALA A 181 -3.59 5.37 -16.78
N PHE A 182 -4.12 4.22 -17.20
CA PHE A 182 -3.30 3.12 -17.72
C PHE A 182 -4.19 1.99 -18.21
N ASP A 183 -4.31 1.81 -19.52
CA ASP A 183 -5.22 0.79 -20.06
C ASP A 183 -4.54 0.01 -21.17
N GLU A 184 -5.13 -1.15 -21.49
CA GLU A 184 -4.55 -2.10 -22.43
C GLU A 184 -4.57 -1.60 -23.87
N HIS A 185 -5.29 -0.52 -24.16
CA HIS A 185 -5.36 -0.02 -25.53
C HIS A 185 -4.14 0.82 -25.92
N ILE A 186 -3.20 1.02 -25.00
CA ILE A 186 -2.03 1.84 -25.29
C ILE A 186 -1.24 1.23 -26.43
N GLY A 187 -0.70 2.08 -27.30
CA GLY A 187 0.12 1.65 -28.39
C GLY A 187 0.56 2.80 -29.27
N PRO A 188 1.44 2.51 -30.25
CA PRO A 188 2.03 1.22 -30.58
C PRO A 188 3.16 0.82 -29.63
N LEU A 189 3.56 -0.45 -29.64
CA LEU A 189 4.54 -0.95 -28.69
C LEU A 189 5.96 -0.74 -29.21
N CYS A 190 6.87 -0.48 -28.29
CA CYS A 190 8.24 -0.15 -28.62
C CYS A 190 9.12 -1.41 -28.54
N THR A 191 10.04 -1.54 -29.50
CA THR A 191 11.00 -2.63 -29.54
C THR A 191 12.43 -2.11 -29.62
N ASP A 192 12.70 -0.95 -29.04
CA ASP A 192 14.01 -0.31 -29.12
C ASP A 192 14.31 0.35 -27.78
N TRP A 193 15.29 -0.21 -27.05
CA TRP A 193 15.60 0.30 -25.72
C TRP A 193 16.23 1.69 -25.75
N GLN A 194 16.53 2.23 -26.92
CA GLN A 194 17.06 3.57 -27.04
C GLN A 194 16.00 4.60 -27.44
N LYS A 195 14.86 4.16 -27.95
CA LYS A 195 13.82 5.07 -28.41
C LYS A 195 13.03 5.60 -27.23
N ALA A 196 12.85 6.93 -27.18
CA ALA A 196 12.07 7.55 -26.12
C ALA A 196 10.58 7.39 -26.39
N GLU A 197 9.83 7.01 -25.35
CA GLU A 197 8.40 6.83 -25.46
C GLU A 197 7.73 7.38 -24.22
N ARG A 198 6.44 7.70 -24.34
CA ARG A 198 5.64 8.02 -23.17
C ARG A 198 5.78 6.93 -22.12
N GLY A 199 5.84 7.34 -20.85
CA GLY A 199 6.04 6.38 -19.78
C GLY A 199 5.10 5.20 -19.85
N ASP A 200 3.82 5.46 -20.16
CA ASP A 200 2.86 4.36 -20.22
C ASP A 200 3.20 3.39 -21.34
N ILE A 201 3.57 3.91 -22.52
CA ILE A 201 3.98 3.05 -23.62
C ILE A 201 5.25 2.30 -23.27
N LEU A 202 6.19 2.97 -22.59
CA LEU A 202 7.42 2.31 -22.18
C LEU A 202 7.12 1.12 -21.27
N LEU A 203 6.38 1.36 -20.18
CA LEU A 203 6.09 0.28 -19.24
C LEU A 203 5.25 -0.81 -19.88
N SER A 204 4.29 -0.43 -20.72
CA SER A 204 3.48 -1.43 -21.41
C SER A 204 4.34 -2.33 -22.28
N SER A 205 5.24 -1.73 -23.06
CA SER A 205 6.12 -2.53 -23.92
C SER A 205 7.02 -3.43 -23.09
N LEU A 206 7.47 -2.94 -21.93
CA LEU A 206 8.31 -3.77 -21.07
C LEU A 206 7.51 -4.92 -20.46
N ILE A 207 6.30 -4.64 -19.99
CA ILE A 207 5.49 -5.69 -19.36
C ILE A 207 5.08 -6.73 -20.40
N ARG A 208 4.73 -6.29 -21.62
CA ARG A 208 4.36 -7.21 -22.68
C ARG A 208 5.55 -7.94 -23.27
N LYS A 209 6.77 -7.67 -22.81
CA LYS A 209 7.97 -8.35 -23.27
C LYS A 209 8.32 -7.98 -24.71
N LYS A 210 7.90 -6.80 -25.17
CA LYS A 210 8.37 -6.32 -26.46
C LYS A 210 9.77 -5.72 -26.36
N LEU A 211 10.08 -5.10 -25.23
CA LEU A 211 11.42 -4.56 -24.98
C LEU A 211 12.22 -5.58 -24.18
N LEU A 212 13.34 -6.02 -24.75
CA LEU A 212 14.18 -7.00 -24.06
C LEU A 212 13.36 -8.23 -23.72
N PRO A 213 12.86 -8.96 -24.72
CA PRO A 213 11.90 -10.04 -24.45
C PRO A 213 12.37 -11.05 -23.39
N GLU A 214 13.66 -11.39 -23.38
CA GLU A 214 14.17 -12.43 -22.50
C GLU A 214 14.71 -11.90 -21.17
N ALA A 215 14.59 -10.60 -20.91
CA ALA A 215 14.86 -10.10 -19.58
C ALA A 215 13.77 -10.55 -18.61
N SER A 216 14.13 -10.65 -17.33
CA SER A 216 13.18 -11.05 -16.30
C SER A 216 12.53 -9.82 -15.69
N LEU A 217 11.29 -10.01 -15.23
CA LEU A 217 10.46 -8.93 -14.72
C LEU A 217 9.70 -9.41 -13.50
N LEU A 218 9.76 -8.63 -12.42
CA LEU A 218 9.10 -8.96 -11.16
C LEU A 218 8.24 -7.77 -10.75
N ILE A 219 6.93 -7.94 -10.80
CA ILE A 219 5.96 -6.89 -10.53
C ILE A 219 5.29 -7.15 -9.20
N THR A 220 5.20 -6.12 -8.36
CA THR A 220 4.40 -6.14 -7.14
C THR A 220 3.21 -5.21 -7.32
N THR A 221 2.02 -5.67 -6.94
CA THR A 221 0.83 -4.87 -7.08
C THR A 221 -0.19 -5.26 -6.02
N ARG A 222 -1.14 -4.37 -5.80
CA ARG A 222 -2.32 -4.73 -5.04
C ARG A 222 -3.28 -5.52 -5.93
N PRO A 223 -4.04 -6.44 -5.35
CA PRO A 223 -4.93 -7.28 -6.18
C PRO A 223 -5.86 -6.49 -7.09
N VAL A 224 -6.43 -5.38 -6.60
CA VAL A 224 -7.43 -4.65 -7.38
C VAL A 224 -6.86 -4.21 -8.72
N ALA A 225 -5.56 -3.92 -8.77
CA ALA A 225 -4.94 -3.43 -10.00
C ALA A 225 -4.69 -4.54 -11.02
N LEU A 226 -4.89 -5.80 -10.66
CA LEU A 226 -4.72 -6.87 -11.64
C LEU A 226 -5.74 -6.78 -12.75
N GLU A 227 -6.83 -6.02 -12.53
CA GLU A 227 -7.79 -5.80 -13.60
C GLU A 227 -7.12 -5.22 -14.83
N LYS A 228 -6.20 -4.28 -14.64
CA LYS A 228 -5.50 -3.66 -15.76
C LYS A 228 -4.31 -4.51 -16.21
N LEU A 229 -3.56 -5.05 -15.26
CA LEU A 229 -2.28 -5.68 -15.55
C LEU A 229 -2.45 -7.00 -16.28
N GLN A 230 -3.53 -7.74 -16.00
CA GLN A 230 -3.62 -9.13 -16.43
C GLN A 230 -3.50 -9.28 -17.94
N HIS A 231 -3.99 -8.31 -18.71
CA HIS A 231 -4.02 -8.44 -20.15
C HIS A 231 -2.68 -8.20 -20.81
N LEU A 232 -1.69 -7.66 -20.08
CA LEU A 232 -0.36 -7.49 -20.62
C LEU A 232 0.57 -8.66 -20.30
N LEU A 233 0.30 -9.38 -19.21
CA LEU A 233 1.22 -10.40 -18.74
C LEU A 233 1.36 -11.54 -19.74
N ASP A 234 2.59 -12.01 -19.92
CA ASP A 234 2.92 -13.11 -20.83
C ASP A 234 3.41 -14.29 -20.00
N HIS A 235 2.53 -15.28 -19.83
CA HIS A 235 2.84 -16.50 -19.10
C HIS A 235 3.36 -16.21 -17.68
N PRO A 236 2.68 -15.39 -16.92
CA PRO A 236 3.19 -15.00 -15.60
C PRO A 236 3.11 -16.13 -14.60
N ARG A 237 3.94 -16.04 -13.57
CA ARG A 237 3.85 -16.87 -12.38
C ARG A 237 3.34 -15.98 -11.25
N HIS A 238 2.15 -16.30 -10.74
CA HIS A 238 1.53 -15.48 -9.70
C HIS A 238 1.89 -16.00 -8.32
N VAL A 239 2.33 -15.10 -7.46
CA VAL A 239 2.64 -15.41 -6.07
C VAL A 239 1.83 -14.46 -5.19
N GLU A 240 1.46 -14.93 -4.01
CA GLU A 240 0.64 -14.18 -3.09
C GLU A 240 1.40 -13.96 -1.79
N ILE A 241 1.50 -12.70 -1.37
CA ILE A 241 2.10 -12.34 -0.09
C ILE A 241 0.99 -12.35 0.95
N LEU A 242 1.15 -13.19 1.98
CA LEU A 242 0.13 -13.36 2.99
C LEU A 242 0.43 -12.62 4.30
N GLY A 243 1.63 -12.09 4.46
CA GLY A 243 1.92 -11.32 5.65
C GLY A 243 2.48 -12.14 6.79
N PHE A 244 2.13 -11.77 8.01
CA PHE A 244 2.70 -12.38 9.21
C PHE A 244 1.81 -13.52 9.69
N SER A 245 2.42 -14.66 9.96
CA SER A 245 1.74 -15.71 10.70
C SER A 245 1.67 -15.32 12.18
N GLU A 246 0.93 -16.12 12.93
CA GLU A 246 0.77 -15.84 14.36
C GLU A 246 2.12 -15.84 15.07
N ALA A 247 3.01 -16.78 14.70
CA ALA A 247 4.32 -16.82 15.32
C ALA A 247 5.20 -15.65 14.88
N LYS A 248 5.03 -15.18 13.65
CA LYS A 248 5.80 -14.03 13.19
C LYS A 248 5.28 -12.72 13.77
N ARG A 249 4.00 -12.64 14.10
CA ARG A 249 3.50 -11.47 14.80
C ARG A 249 4.20 -11.30 16.14
N LYS A 250 4.34 -12.39 16.90
CA LYS A 250 5.11 -12.34 18.14
C LYS A 250 6.54 -11.91 17.87
N GLU A 251 7.17 -12.49 16.84
CA GLU A 251 8.55 -12.14 16.52
C GLU A 251 8.71 -10.65 16.27
N TYR A 252 7.75 -10.05 15.54
CA TYR A 252 7.86 -8.62 15.25
C TYR A 252 7.84 -7.80 16.53
N PHE A 253 6.87 -8.04 17.41
CA PHE A 253 6.78 -7.30 18.66
C PHE A 253 8.06 -7.43 19.48
N PHE A 254 8.72 -8.59 19.41
CA PHE A 254 9.94 -8.79 20.18
C PHE A 254 11.14 -8.10 19.52
N LYS A 255 11.20 -8.08 18.19
CA LYS A 255 12.22 -7.30 17.51
C LYS A 255 11.99 -5.80 17.69
N TYR A 256 10.72 -5.39 17.80
CA TYR A 256 10.42 -3.97 17.92
C TYR A 256 10.83 -3.43 19.28
N PHE A 257 10.46 -4.12 20.35
CA PHE A 257 10.73 -3.67 21.71
C PHE A 257 12.07 -4.24 22.18
N SER A 258 13.04 -3.36 22.38
CA SER A 258 14.34 -3.78 22.92
C SER A 258 14.16 -4.58 24.20
N ASP A 259 13.28 -4.12 25.08
CA ASP A 259 13.02 -4.80 26.35
C ASP A 259 12.02 -5.93 26.16
N GLU A 260 12.39 -7.13 26.63
CA GLU A 260 11.51 -8.28 26.48
C GLU A 260 10.20 -8.09 27.23
N ALA A 261 10.27 -7.54 28.45
CA ALA A 261 9.07 -7.35 29.25
C ALA A 261 8.02 -6.55 28.50
N GLN A 262 8.45 -5.45 27.86
CA GLN A 262 7.52 -4.66 27.06
C GLN A 262 6.96 -5.48 25.90
N ALA A 263 7.84 -6.20 25.20
CA ALA A 263 7.39 -7.00 24.07
C ALA A 263 6.29 -7.98 24.49
N ARG A 264 6.49 -8.67 25.61
CA ARG A 264 5.54 -9.70 26.02
C ARG A 264 4.23 -9.10 26.52
N ALA A 265 4.30 -7.93 27.17
CA ALA A 265 3.07 -7.29 27.64
C ALA A 265 2.32 -6.65 26.47
N ALA A 266 3.04 -6.02 25.54
CA ALA A 266 2.39 -5.47 24.36
C ALA A 266 1.70 -6.57 23.56
N PHE A 267 2.37 -7.72 23.43
CA PHE A 267 1.77 -8.83 22.68
C PHE A 267 0.60 -9.45 23.45
N SER A 268 0.60 -9.33 24.77
CA SER A 268 -0.53 -9.84 25.55
C SER A 268 -1.82 -9.09 25.21
N LEU A 269 -1.73 -7.77 25.04
CA LEU A 269 -2.91 -7.02 24.60
C LEU A 269 -3.45 -7.57 23.29
N ILE A 270 -2.56 -7.88 22.35
CA ILE A 270 -2.99 -8.39 21.05
C ILE A 270 -3.70 -9.73 21.24
N GLN A 271 -3.08 -10.66 21.97
CA GLN A 271 -3.70 -11.96 22.19
C GLN A 271 -5.09 -11.82 22.80
N GLU A 272 -5.30 -10.81 23.63
CA GLU A 272 -6.59 -10.63 24.29
C GLU A 272 -7.65 -10.02 23.40
N ASN A 273 -7.25 -9.35 22.32
CA ASN A 273 -8.17 -8.61 21.45
C ASN A 273 -8.30 -9.38 20.14
N GLU A 274 -9.42 -10.08 19.98
CA GLU A 274 -9.63 -10.92 18.79
C GLU A 274 -9.41 -10.15 17.51
N VAL A 275 -9.85 -8.89 17.46
CA VAL A 275 -9.78 -8.13 16.22
C VAL A 275 -8.35 -7.71 15.91
N LEU A 276 -7.62 -7.22 16.93
CA LEU A 276 -6.24 -6.80 16.68
C LEU A 276 -5.35 -7.99 16.37
N PHE A 277 -5.49 -9.09 17.10
CA PHE A 277 -4.70 -10.28 16.82
C PHE A 277 -4.89 -10.72 15.37
N THR A 278 -6.15 -10.74 14.91
CA THR A 278 -6.42 -11.14 13.53
C THR A 278 -5.87 -10.11 12.55
N MET A 279 -6.04 -8.82 12.86
CA MET A 279 -5.64 -7.77 11.94
C MET A 279 -4.12 -7.61 11.87
N CYS A 280 -3.40 -8.13 12.87
CA CYS A 280 -1.95 -7.98 12.92
C CYS A 280 -1.21 -8.92 11.99
N PHE A 281 -1.91 -9.62 11.08
CA PHE A 281 -1.20 -10.31 10.02
C PHE A 281 -0.63 -9.33 9.00
N ILE A 282 -1.18 -8.11 8.96
CA ILE A 282 -0.66 -7.02 8.16
C ILE A 282 0.53 -6.41 8.90
N PRO A 283 1.77 -6.52 8.39
CA PRO A 283 2.90 -5.93 9.11
C PRO A 283 2.75 -4.45 9.39
N LEU A 284 2.15 -3.68 8.48
CA LEU A 284 1.95 -2.26 8.73
C LEU A 284 1.10 -2.06 9.98
N VAL A 285 0.10 -2.93 10.19
CA VAL A 285 -0.71 -2.84 11.40
C VAL A 285 0.15 -3.12 12.64
N CYS A 286 1.02 -4.13 12.56
CA CYS A 286 1.94 -4.37 13.66
C CYS A 286 2.75 -3.13 13.99
N TRP A 287 3.22 -2.40 12.97
CA TRP A 287 4.03 -1.22 13.23
C TRP A 287 3.18 -0.10 13.82
N ILE A 288 1.95 0.07 13.34
CA ILE A 288 1.07 1.10 13.88
C ILE A 288 0.76 0.82 15.34
N VAL A 289 0.36 -0.41 15.65
CA VAL A 289 0.00 -0.76 17.01
C VAL A 289 1.20 -0.65 17.94
N CYS A 290 2.35 -1.19 17.51
CA CYS A 290 3.55 -1.11 18.34
C CYS A 290 3.93 0.33 18.62
N THR A 291 3.88 1.20 17.60
CA THR A 291 4.25 2.59 17.80
C THR A 291 3.29 3.28 18.78
N GLY A 292 2.02 2.93 18.72
CA GLY A 292 1.06 3.52 19.64
C GLY A 292 1.30 3.10 21.07
N LEU A 293 1.40 1.78 21.30
CA LEU A 293 1.63 1.29 22.65
C LEU A 293 2.95 1.83 23.22
N LYS A 294 3.90 2.14 22.35
CA LYS A 294 5.15 2.76 22.81
C LYS A 294 4.87 4.04 23.58
N GLN A 295 4.05 4.92 23.02
CA GLN A 295 3.75 6.18 23.70
C GLN A 295 3.10 5.94 25.05
N GLN A 296 2.10 5.05 25.10
CA GLN A 296 1.45 4.74 26.37
C GLN A 296 2.46 4.35 27.44
N MET A 297 3.49 3.57 27.06
CA MET A 297 4.51 3.20 28.02
C MET A 297 5.35 4.39 28.45
N GLU A 298 5.56 5.35 27.55
CA GLU A 298 6.25 6.58 27.93
C GLU A 298 5.39 7.46 28.82
N SER A 299 4.06 7.40 28.65
CA SER A 299 3.16 8.14 29.52
C SER A 299 2.93 7.45 30.86
N GLY A 300 3.12 6.14 30.93
CA GLY A 300 2.99 5.40 32.16
C GLY A 300 1.59 4.89 32.46
N LYS A 301 0.62 5.18 31.60
CA LYS A 301 -0.73 4.68 31.80
C LYS A 301 -0.82 3.20 31.47
N SER A 302 -1.60 2.47 32.26
CA SER A 302 -1.76 1.03 32.04
C SER A 302 -2.12 0.75 30.60
N LEU A 303 -1.40 -0.19 29.98
CA LEU A 303 -1.62 -0.50 28.57
C LEU A 303 -3.02 -1.05 28.35
N ALA A 304 -3.66 -0.57 27.29
CA ALA A 304 -5.00 -1.02 26.93
C ALA A 304 -5.40 -0.45 25.59
N GLN A 305 -5.61 -1.32 24.61
CA GLN A 305 -6.13 -0.93 23.30
C GLN A 305 -7.35 -1.78 23.01
N THR A 306 -8.50 -1.12 22.83
CA THR A 306 -9.78 -1.80 22.64
C THR A 306 -10.34 -1.59 21.24
N SER A 307 -9.48 -1.28 20.27
CA SER A 307 -9.95 -0.98 18.93
C SER A 307 -10.63 -2.19 18.31
N LYS A 308 -11.65 -1.91 17.50
CA LYS A 308 -12.43 -2.95 16.82
C LYS A 308 -12.49 -2.78 15.32
N THR A 309 -11.98 -1.67 14.77
CA THR A 309 -12.03 -1.42 13.34
C THR A 309 -10.70 -0.84 12.89
N THR A 310 -10.46 -0.91 11.58
CA THR A 310 -9.27 -0.28 11.02
C THR A 310 -9.29 1.22 11.28
N THR A 311 -10.46 1.84 11.14
CA THR A 311 -10.57 3.26 11.46
C THR A 311 -10.18 3.54 12.91
N ALA A 312 -10.60 2.68 13.83
CA ALA A 312 -10.23 2.85 15.23
C ALA A 312 -8.71 2.79 15.40
N VAL A 313 -8.06 1.85 14.72
CA VAL A 313 -6.62 1.70 14.86
C VAL A 313 -5.90 2.94 14.35
N TYR A 314 -6.32 3.45 13.19
CA TYR A 314 -5.64 4.62 12.63
C TYR A 314 -5.91 5.87 13.45
N VAL A 315 -7.05 5.96 14.14
CA VAL A 315 -7.32 7.09 15.01
C VAL A 315 -6.53 6.95 16.31
N PHE A 316 -6.37 5.72 16.81
CA PHE A 316 -5.58 5.51 18.01
C PHE A 316 -4.13 5.88 17.80
N PHE A 317 -3.64 5.76 16.56
CA PHE A 317 -2.26 6.09 16.25
C PHE A 317 -2.04 7.59 16.21
N LEU A 318 -2.92 8.32 15.52
CA LEU A 318 -2.77 9.77 15.41
C LEU A 318 -2.97 10.45 16.76
N SER A 319 -3.96 10.02 17.54
CA SER A 319 -4.18 10.63 18.84
C SER A 319 -2.96 10.47 19.74
N SER A 320 -2.25 9.34 19.63
CA SER A 320 -1.06 9.13 20.43
C SER A 320 0.04 10.13 20.11
N LEU A 321 0.04 10.69 18.90
CA LEU A 321 1.04 11.68 18.54
C LEU A 321 0.75 13.04 19.16
N LEU A 322 -0.53 13.36 19.36
CA LEU A 322 -0.91 14.63 20.00
C LEU A 322 -0.45 14.64 21.44
N CYS A 334 -3.39 19.73 16.54
CA CYS A 334 -4.74 20.05 16.08
C CYS A 334 -4.73 21.28 15.18
N ALA A 335 -3.64 22.05 15.23
CA ALA A 335 -3.55 23.27 14.43
C ALA A 335 -3.42 22.95 12.95
N HIS A 336 -2.59 21.96 12.60
CA HIS A 336 -2.30 21.63 11.21
C HIS A 336 -3.23 20.55 10.66
N LEU A 337 -4.37 20.30 11.33
CA LEU A 337 -5.25 19.22 10.88
C LEU A 337 -5.82 19.51 9.51
N TRP A 338 -6.34 20.74 9.31
CA TRP A 338 -6.91 21.09 8.02
C TRP A 338 -5.89 20.98 6.90
N GLY A 339 -4.64 21.37 7.17
CA GLY A 339 -3.63 21.36 6.13
C GLY A 339 -3.37 19.96 5.58
N LEU A 340 -3.24 18.97 6.46
CA LEU A 340 -2.94 17.62 6.02
C LEU A 340 -4.07 17.05 5.18
N CYS A 341 -5.32 17.30 5.58
CA CYS A 341 -6.45 16.78 4.83
C CYS A 341 -6.55 17.44 3.46
N SER A 342 -6.25 18.74 3.38
CA SER A 342 -6.26 19.43 2.10
C SER A 342 -5.19 18.86 1.17
N LEU A 343 -3.97 18.70 1.68
CA LEU A 343 -2.90 18.11 0.89
C LEU A 343 -3.26 16.72 0.43
N ALA A 344 -3.77 15.88 1.34
CA ALA A 344 -4.13 14.52 0.99
C ALA A 344 -5.23 14.49 -0.06
N ALA A 345 -6.33 15.19 0.20
CA ALA A 345 -7.42 15.23 -0.78
C ALA A 345 -6.92 15.72 -2.13
N ASP A 346 -6.10 16.76 -2.13
CA ASP A 346 -5.54 17.26 -3.38
C ASP A 346 -4.67 16.20 -4.05
N GLY A 347 -3.88 15.47 -3.26
CA GLY A 347 -2.99 14.48 -3.83
C GLY A 347 -3.73 13.35 -4.51
N ILE A 348 -4.83 12.90 -3.90
CA ILE A 348 -5.60 11.80 -4.49
C ILE A 348 -6.36 12.28 -5.71
N TRP A 349 -6.97 13.46 -5.62
CA TRP A 349 -7.74 13.97 -6.75
C TRP A 349 -6.85 14.23 -7.96
N ASN A 350 -5.67 14.83 -7.74
CA ASN A 350 -4.77 15.21 -8.80
C ASN A 350 -3.63 14.21 -9.01
N GLN A 351 -3.71 13.04 -8.39
CA GLN A 351 -2.70 11.99 -8.54
C GLN A 351 -1.32 12.53 -8.21
N LYS A 352 -1.07 12.69 -6.91
CA LYS A 352 0.22 13.10 -6.41
C LYS A 352 0.52 12.35 -5.12
N ILE A 353 1.48 11.43 -5.17
CA ILE A 353 2.00 10.80 -3.97
C ILE A 353 3.14 11.61 -3.38
N LEU A 354 4.09 12.02 -4.21
CA LEU A 354 5.23 12.80 -3.75
C LEU A 354 4.89 14.28 -3.80
N PHE A 355 5.17 14.99 -2.72
CA PHE A 355 4.79 16.39 -2.57
C PHE A 355 6.05 17.23 -2.40
N GLU A 356 6.23 18.23 -3.27
CA GLU A 356 7.34 19.13 -3.15
C GLU A 356 7.01 20.26 -2.17
N GLU A 357 8.06 20.91 -1.67
CA GLU A 357 7.88 21.90 -0.60
C GLU A 357 6.92 23.00 -1.01
N SER A 358 6.84 23.32 -2.30
CA SER A 358 5.88 24.33 -2.75
C SER A 358 4.45 23.91 -2.42
N ASP A 359 4.14 22.64 -2.63
CA ASP A 359 2.80 22.14 -2.29
C ASP A 359 2.54 22.23 -0.79
N LEU A 360 3.56 21.93 0.02
CA LEU A 360 3.38 21.97 1.47
C LEU A 360 3.12 23.39 1.95
N ARG A 361 3.98 24.34 1.57
CA ARG A 361 3.72 25.73 1.89
C ARG A 361 2.39 26.20 1.31
N ASN A 362 2.00 25.64 0.16
CA ASN A 362 0.73 26.01 -0.45
C ASN A 362 -0.43 25.69 0.47
N HIS A 363 -0.38 24.53 1.14
CA HIS A 363 -1.42 24.11 2.08
C HIS A 363 -1.13 24.55 3.51
N GLY A 364 -0.34 25.61 3.69
CA GLY A 364 -0.11 26.17 5.01
C GLY A 364 0.83 25.38 5.90
N LEU A 365 1.48 24.35 5.37
CA LEU A 365 2.40 23.54 6.17
C LEU A 365 3.81 24.10 5.99
N GLN A 366 4.24 24.91 6.96
CA GLN A 366 5.56 25.51 6.90
C GLN A 366 6.63 24.46 7.12
N LYS A 367 7.89 24.85 6.83
CA LYS A 367 8.99 23.91 6.92
C LYS A 367 9.16 23.37 8.33
N ALA A 368 8.92 24.21 9.34
CA ALA A 368 9.04 23.76 10.72
C ALA A 368 7.91 22.79 11.08
N ASP A 369 6.71 23.02 10.53
CA ASP A 369 5.61 22.10 10.77
C ASP A 369 5.91 20.74 10.17
N VAL A 370 6.53 20.71 8.98
CA VAL A 370 6.88 19.44 8.35
C VAL A 370 7.92 18.70 9.17
N SER A 371 8.91 19.43 9.72
CA SER A 371 9.91 18.80 10.57
C SER A 371 9.29 18.19 11.82
N ALA A 372 8.13 18.68 12.26
CA ALA A 372 7.46 18.07 13.40
C ALA A 372 6.80 16.74 13.02
N PHE A 373 6.33 16.62 11.78
CA PHE A 373 5.75 15.36 11.32
C PHE A 373 6.82 14.29 11.15
N LEU A 374 8.01 14.68 10.68
CA LEU A 374 9.10 13.73 10.54
C LEU A 374 9.51 13.16 11.89
N ARG A 375 9.52 14.00 12.92
CA ARG A 375 9.93 13.56 14.26
C ARG A 375 9.00 12.44 14.75
N MET A 376 7.69 12.65 14.65
CA MET A 376 6.71 11.69 15.14
C MET A 376 6.41 10.59 14.12
N ASN A 377 7.16 10.52 13.03
CA ASN A 377 7.01 9.45 12.03
C ASN A 377 5.63 9.47 11.39
N LEU A 378 5.13 10.66 11.09
CA LEU A 378 3.92 10.83 10.30
C LEU A 378 4.21 11.29 8.87
N PHE A 379 5.44 11.68 8.58
CA PHE A 379 5.86 12.05 7.23
C PHE A 379 7.23 11.47 6.97
N GLN A 380 7.54 11.30 5.68
CA GLN A 380 8.84 10.80 5.26
C GLN A 380 9.30 11.59 4.04
N LYS A 381 10.59 11.91 4.01
CA LYS A 381 11.20 12.63 2.90
C LYS A 381 11.91 11.64 2.00
N GLU A 382 11.72 11.79 0.68
CA GLU A 382 12.34 10.90 -0.28
C GLU A 382 12.40 11.55 -1.67
N LYS A 387 13.26 18.38 -0.85
CA LYS A 387 13.07 17.93 -2.23
C LYS A 387 11.67 17.35 -2.43
N PHE A 388 11.46 16.14 -1.91
CA PHE A 388 10.19 15.44 -2.04
C PHE A 388 9.74 14.91 -0.69
N TYR A 389 8.45 15.07 -0.40
CA TYR A 389 7.84 14.56 0.81
C TYR A 389 6.62 13.73 0.44
N SER A 390 6.34 12.71 1.26
CA SER A 390 5.17 11.86 1.06
C SER A 390 4.71 11.35 2.42
N PHE A 391 3.53 10.73 2.42
CA PHE A 391 3.01 10.13 3.64
C PHE A 391 3.70 8.80 3.92
N ILE A 392 3.85 8.50 5.22
CA ILE A 392 4.54 7.28 5.63
C ILE A 392 3.97 6.06 4.93
N HIS A 393 2.70 6.12 4.54
CA HIS A 393 2.10 5.06 3.75
C HIS A 393 0.90 5.63 3.03
N MET A 394 0.57 5.03 1.88
CA MET A 394 -0.55 5.54 1.08
C MET A 394 -1.85 5.46 1.86
N THR A 395 -2.01 4.46 2.73
CA THR A 395 -3.24 4.34 3.50
C THR A 395 -3.46 5.55 4.40
N PHE A 396 -2.38 6.15 4.89
CA PHE A 396 -2.55 7.38 5.67
C PHE A 396 -2.98 8.55 4.78
N GLN A 397 -2.54 8.57 3.53
CA GLN A 397 -2.98 9.63 2.63
C GLN A 397 -4.47 9.49 2.31
N GLU A 398 -4.96 8.26 2.19
CA GLU A 398 -6.40 8.08 1.99
C GLU A 398 -7.18 8.38 3.27
N PHE A 399 -6.58 8.13 4.43
CA PHE A 399 -7.26 8.41 5.68
C PHE A 399 -7.54 9.91 5.83
N PHE A 400 -6.52 10.74 5.59
CA PHE A 400 -6.72 12.18 5.70
C PHE A 400 -7.59 12.71 4.56
N ALA A 401 -7.54 12.06 3.40
CA ALA A 401 -8.45 12.45 2.32
C ALA A 401 -9.89 12.23 2.72
N ALA A 402 -10.20 11.08 3.35
CA ALA A 402 -11.54 10.84 3.83
C ALA A 402 -11.96 11.89 4.85
N MET A 403 -11.06 12.22 5.77
CA MET A 403 -11.37 13.23 6.79
C MET A 403 -11.64 14.59 6.18
N TYR A 404 -11.06 14.86 5.00
CA TYR A 404 -11.28 16.15 4.35
C TYR A 404 -12.76 16.43 4.14
N TYR A 405 -13.56 15.38 3.96
CA TYR A 405 -14.99 15.56 3.71
C TYR A 405 -15.79 15.76 4.99
N LEU A 406 -15.19 15.61 6.16
CA LEU A 406 -15.91 15.67 7.42
C LEU A 406 -15.46 16.79 8.34
N LEU A 407 -14.40 17.52 8.00
CA LEU A 407 -13.92 18.58 8.87
C LEU A 407 -14.94 19.71 8.94
N GLU A 408 -14.93 20.41 10.07
CA GLU A 408 -15.86 21.51 10.34
C GLU A 408 -15.10 22.82 10.35
N GLU A 409 -15.48 23.74 9.49
CA GLU A 409 -14.84 25.04 9.41
C GLU A 409 -15.16 25.89 10.64
N PRO A 425 -10.17 21.59 -3.91
CA PRO A 425 -10.86 20.33 -4.15
C PRO A 425 -12.29 20.34 -3.59
N SER A 426 -13.22 19.72 -4.31
CA SER A 426 -14.61 19.71 -3.89
C SER A 426 -14.82 18.75 -2.72
N ARG A 427 -15.80 19.06 -1.89
CA ARG A 427 -16.17 18.24 -0.74
C ARG A 427 -17.46 17.47 -0.98
N ASP A 428 -18.01 17.52 -2.19
CA ASP A 428 -19.22 16.78 -2.53
C ASP A 428 -18.90 15.29 -2.59
N VAL A 429 -19.44 14.52 -1.64
CA VAL A 429 -19.12 13.10 -1.56
C VAL A 429 -19.64 12.36 -2.79
N THR A 430 -20.74 12.84 -3.38
CA THR A 430 -21.30 12.15 -4.55
C THR A 430 -20.34 12.15 -5.71
N VAL A 431 -19.54 13.21 -5.85
CA VAL A 431 -18.51 13.24 -6.89
C VAL A 431 -17.44 12.20 -6.57
N LEU A 432 -17.02 12.10 -5.31
CA LEU A 432 -16.04 11.10 -4.91
C LEU A 432 -16.51 9.71 -5.30
N LEU A 433 -17.74 9.36 -4.93
CA LEU A 433 -18.24 8.01 -5.19
C LEU A 433 -18.36 7.71 -6.68
N GLU A 434 -18.50 8.73 -7.53
CA GLU A 434 -18.54 8.48 -8.96
C GLU A 434 -17.24 7.91 -9.48
N ASN A 435 -16.11 8.28 -8.88
CA ASN A 435 -14.79 7.84 -9.32
C ASN A 435 -14.31 6.59 -8.58
N TYR A 436 -15.16 5.99 -7.75
CA TYR A 436 -14.74 4.83 -6.98
C TYR A 436 -14.33 3.69 -7.89
N GLY A 437 -13.26 3.00 -7.50
CA GLY A 437 -12.82 1.83 -8.23
C GLY A 437 -12.17 2.13 -9.57
N LYS A 438 -11.63 3.32 -9.76
CA LYS A 438 -10.97 3.71 -11.00
C LYS A 438 -9.48 3.82 -10.78
N PHE A 439 -8.71 3.18 -11.67
CA PHE A 439 -7.25 3.25 -11.57
C PHE A 439 -6.75 4.69 -11.62
N GLU A 440 -7.48 5.56 -12.31
CA GLU A 440 -7.00 6.94 -12.51
C GLU A 440 -6.85 7.68 -11.19
N LYS A 441 -7.76 7.43 -10.24
CA LYS A 441 -7.73 8.08 -8.94
C LYS A 441 -7.11 7.21 -7.87
N GLY A 442 -6.68 6.00 -8.20
CA GLY A 442 -6.17 5.07 -7.21
C GLY A 442 -7.21 4.17 -6.57
N TYR A 443 -8.38 4.03 -7.19
CA TYR A 443 -9.43 3.10 -6.79
C TYR A 443 -10.23 3.57 -5.58
N LEU A 444 -9.64 4.41 -4.72
CA LEU A 444 -10.37 5.01 -3.58
C LEU A 444 -10.91 3.97 -2.62
N ILE A 445 -10.21 2.84 -2.50
CA ILE A 445 -10.69 1.75 -1.65
C ILE A 445 -10.71 2.18 -0.19
N PHE A 446 -9.61 2.76 0.28
CA PHE A 446 -9.49 3.11 1.70
C PHE A 446 -10.09 4.46 2.04
N VAL A 447 -10.25 5.35 1.07
CA VAL A 447 -10.98 6.58 1.34
C VAL A 447 -12.41 6.25 1.76
N VAL A 448 -13.03 5.29 1.08
CA VAL A 448 -14.41 4.93 1.40
C VAL A 448 -14.47 4.17 2.71
N ARG A 449 -13.63 3.15 2.89
CA ARG A 449 -13.61 2.43 4.15
C ARG A 449 -13.47 3.38 5.34
N PHE A 450 -12.49 4.29 5.28
CA PHE A 450 -12.28 5.21 6.39
C PHE A 450 -13.43 6.19 6.52
N LEU A 451 -14.12 6.47 5.42
CA LEU A 451 -15.28 7.37 5.49
C LEU A 451 -16.43 6.71 6.23
N PHE A 452 -16.64 5.41 6.01
CA PHE A 452 -17.66 4.68 6.76
C PHE A 452 -17.37 4.69 8.25
N GLY A 453 -16.12 4.43 8.63
CA GLY A 453 -15.79 4.35 10.03
C GLY A 453 -15.78 5.69 10.74
N LEU A 454 -15.44 6.77 10.01
CA LEU A 454 -15.34 8.08 10.64
C LEU A 454 -16.71 8.71 10.89
N VAL A 455 -17.68 8.45 10.01
CA VAL A 455 -19.02 9.01 10.16
C VAL A 455 -19.77 8.30 11.28
N ASN A 456 -19.18 7.25 11.86
CA ASN A 456 -19.82 6.54 12.95
C ASN A 456 -20.14 7.50 14.09
N GLN A 457 -21.43 7.61 14.43
CA GLN A 457 -21.84 8.48 15.53
C GLN A 457 -21.21 8.01 16.84
N GLU A 458 -21.28 6.71 17.11
CA GLU A 458 -20.75 6.18 18.36
C GLU A 458 -19.29 6.56 18.57
N ARG A 459 -18.55 6.78 17.49
CA ARG A 459 -17.14 7.12 17.61
C ARG A 459 -16.97 8.41 18.40
N THR A 460 -16.11 8.36 19.41
CA THR A 460 -15.81 9.51 20.25
C THR A 460 -14.30 9.59 20.47
N SER A 461 -13.78 10.81 20.42
CA SER A 461 -12.35 11.07 20.60
C SER A 461 -12.15 12.58 20.48
N TYR A 462 -10.97 13.04 20.90
CA TYR A 462 -10.62 14.44 20.72
C TYR A 462 -10.78 14.86 19.27
N LEU A 463 -10.57 13.93 18.34
CA LEU A 463 -10.72 14.26 16.92
C LEU A 463 -12.18 14.31 16.50
N GLU A 464 -13.07 13.60 17.21
CA GLU A 464 -14.49 13.66 16.88
C GLU A 464 -15.02 15.07 16.98
N LYS A 465 -14.47 15.88 17.89
CA LYS A 465 -14.96 17.24 18.06
C LYS A 465 -14.64 18.12 16.87
N LYS A 466 -13.54 17.83 16.16
CA LYS A 466 -13.19 18.59 14.97
C LYS A 466 -14.08 18.27 13.78
N LEU A 467 -14.85 17.19 13.84
CA LEU A 467 -15.73 16.81 12.75
C LEU A 467 -17.10 17.45 12.91
N SER A 468 -17.82 17.57 11.79
CA SER A 468 -19.12 18.21 11.75
C SER A 468 -20.20 17.14 11.85
N CYS A 469 -21.07 17.27 12.87
CA CYS A 469 -22.19 16.36 13.00
C CYS A 469 -23.14 16.47 11.82
N LYS A 470 -23.44 17.70 11.40
CA LYS A 470 -24.31 17.90 10.24
C LYS A 470 -23.74 17.21 9.01
N ILE A 471 -22.45 17.43 8.72
CA ILE A 471 -21.85 16.83 7.53
C ILE A 471 -21.84 15.31 7.64
N SER A 472 -21.59 14.78 8.83
CA SER A 472 -21.61 13.34 9.00
C SER A 472 -22.98 12.77 8.65
N GLN A 473 -24.05 13.47 9.05
CA GLN A 473 -25.40 12.98 8.79
C GLN A 473 -25.69 12.96 7.29
N GLN A 474 -25.37 14.05 6.59
CA GLN A 474 -25.58 14.09 5.16
C GLN A 474 -24.80 12.99 4.45
N ILE A 475 -23.54 12.78 4.86
CA ILE A 475 -22.72 11.76 4.23
C ILE A 475 -23.24 10.37 4.58
N ARG A 476 -23.69 10.18 5.83
CA ARG A 476 -24.25 8.89 6.21
C ARG A 476 -25.44 8.52 5.32
N LEU A 477 -26.26 9.50 4.97
CA LEU A 477 -27.42 9.23 4.13
C LEU A 477 -27.01 8.90 2.70
N GLU A 478 -26.01 9.61 2.16
CA GLU A 478 -25.59 9.35 0.79
C GLU A 478 -24.90 8.00 0.68
N LEU A 479 -24.11 7.62 1.68
CA LEU A 479 -23.48 6.30 1.68
C LEU A 479 -24.51 5.20 1.62
N LEU A 480 -25.68 5.40 2.25
CA LEU A 480 -26.71 4.37 2.24
C LEU A 480 -27.35 4.25 0.85
N LYS A 481 -27.68 5.38 0.23
CA LYS A 481 -28.15 5.35 -1.16
C LYS A 481 -27.13 4.66 -2.05
N TRP A 482 -25.84 4.88 -1.78
CA TRP A 482 -24.79 4.27 -2.59
C TRP A 482 -24.83 2.75 -2.48
N ILE A 483 -24.99 2.23 -1.26
CA ILE A 483 -25.06 0.78 -1.07
C ILE A 483 -26.27 0.21 -1.80
N GLU A 484 -27.41 0.92 -1.76
CA GLU A 484 -28.62 0.40 -2.37
C GLU A 484 -28.43 0.16 -3.87
N VAL A 485 -27.75 1.09 -4.55
CA VAL A 485 -27.50 0.93 -5.97
C VAL A 485 -26.54 -0.22 -6.22
N LYS A 486 -25.41 -0.23 -5.50
CA LYS A 486 -24.39 -1.25 -5.74
C LYS A 486 -24.87 -2.65 -5.37
N ALA A 487 -25.79 -2.75 -4.41
CA ALA A 487 -26.27 -4.06 -3.98
C ALA A 487 -27.21 -4.69 -5.01
N LYS A 488 -27.75 -3.89 -5.93
CA LYS A 488 -28.71 -4.40 -6.92
C LYS A 488 -28.15 -4.25 -8.33
N ILE A 494 -18.84 -5.92 -11.07
CA ILE A 494 -17.74 -4.97 -10.93
C ILE A 494 -17.63 -4.49 -9.49
N GLN A 495 -16.67 -3.62 -9.24
CA GLN A 495 -16.48 -3.09 -7.90
C GLN A 495 -17.64 -2.15 -7.54
N PRO A 496 -18.01 -2.07 -6.26
CA PRO A 496 -17.49 -2.81 -5.11
C PRO A 496 -18.09 -4.20 -4.99
N SER A 497 -17.29 -5.23 -4.72
CA SER A 497 -17.86 -6.55 -4.49
C SER A 497 -18.67 -6.55 -3.19
N GLN A 498 -19.43 -7.61 -2.99
CA GLN A 498 -20.20 -7.73 -1.75
C GLN A 498 -19.28 -7.83 -0.54
N LEU A 499 -18.18 -8.58 -0.67
CA LEU A 499 -17.24 -8.68 0.44
C LEU A 499 -16.65 -7.32 0.79
N GLU A 500 -16.35 -6.49 -0.22
CA GLU A 500 -15.79 -5.18 0.05
C GLU A 500 -16.79 -4.31 0.81
N LEU A 501 -18.06 -4.35 0.42
CA LEU A 501 -19.09 -3.63 1.15
C LEU A 501 -19.20 -4.13 2.59
N PHE A 502 -18.98 -5.42 2.82
CA PHE A 502 -18.95 -5.93 4.18
C PHE A 502 -17.84 -5.26 4.99
N TYR A 503 -16.68 -5.05 4.37
CA TYR A 503 -15.61 -4.32 5.07
C TYR A 503 -16.05 -2.90 5.41
N CYS A 504 -16.69 -2.22 4.46
CA CYS A 504 -17.20 -0.87 4.74
C CYS A 504 -18.20 -0.90 5.89
N LEU A 505 -19.20 -1.79 5.82
CA LEU A 505 -20.17 -1.89 6.89
C LEU A 505 -19.52 -2.28 8.20
N TYR A 506 -18.47 -3.10 8.16
CA TYR A 506 -17.79 -3.45 9.40
C TYR A 506 -17.15 -2.23 10.05
N GLU A 507 -16.64 -1.30 9.24
CA GLU A 507 -16.10 -0.05 9.79
C GLU A 507 -17.19 0.78 10.44
N MET A 508 -18.39 0.78 9.87
CA MET A 508 -19.48 1.60 10.41
C MET A 508 -19.90 1.11 11.79
N GLN A 509 -20.09 -0.20 11.94
CA GLN A 509 -20.44 -0.83 13.22
C GLN A 509 -21.88 -0.56 13.65
N GLU A 510 -22.38 0.65 13.46
CA GLU A 510 -23.74 0.97 13.89
C GLU A 510 -24.73 -0.03 13.30
N GLU A 511 -25.50 -0.69 14.18
CA GLU A 511 -26.42 -1.72 13.73
C GLU A 511 -27.60 -1.12 12.96
N ASP A 512 -28.07 0.06 13.37
CA ASP A 512 -29.15 0.71 12.64
C ASP A 512 -28.77 0.89 11.17
N PHE A 513 -27.56 1.40 10.92
CA PHE A 513 -27.11 1.57 9.55
C PHE A 513 -26.89 0.22 8.87
N VAL A 514 -26.16 -0.68 9.53
CA VAL A 514 -25.79 -1.95 8.91
C VAL A 514 -27.04 -2.78 8.61
N GLN A 515 -28.01 -2.77 9.51
CA GLN A 515 -29.21 -3.58 9.31
C GLN A 515 -30.01 -3.12 8.10
N ARG A 516 -30.19 -1.81 7.94
CA ARG A 516 -30.86 -1.29 6.75
C ARG A 516 -30.06 -1.62 5.50
N ALA A 517 -28.74 -1.40 5.53
CA ALA A 517 -27.92 -1.69 4.36
C ALA A 517 -27.99 -3.17 3.99
N MET A 518 -27.91 -4.05 4.98
CA MET A 518 -27.90 -5.48 4.70
C MET A 518 -29.21 -5.96 4.06
N ASP A 519 -30.29 -5.20 4.20
CA ASP A 519 -31.56 -5.60 3.61
C ASP A 519 -31.63 -5.34 2.11
N TYR A 520 -30.73 -4.53 1.56
CA TYR A 520 -30.72 -4.28 0.13
C TYR A 520 -30.19 -5.46 -0.66
N PHE A 521 -29.50 -6.39 -0.01
CA PHE A 521 -28.88 -7.49 -0.73
C PHE A 521 -29.89 -8.61 -0.93
N PRO A 522 -30.04 -9.13 -2.15
CA PRO A 522 -30.96 -10.27 -2.35
C PRO A 522 -30.37 -11.58 -1.85
N LYS A 523 -29.05 -11.70 -1.89
CA LYS A 523 -28.39 -12.95 -1.51
C LYS A 523 -26.98 -12.64 -1.04
N ILE A 524 -26.45 -13.53 -0.21
CA ILE A 524 -25.05 -13.49 0.20
C ILE A 524 -24.25 -14.23 -0.85
N GLU A 525 -23.28 -13.54 -1.46
CA GLU A 525 -22.40 -14.14 -2.46
C GLU A 525 -20.99 -13.58 -2.20
N ILE A 526 -20.12 -14.40 -1.62
CA ILE A 526 -18.80 -13.95 -1.20
C ILE A 526 -17.81 -15.11 -1.34
N ASN A 527 -16.53 -14.76 -1.44
CA ASN A 527 -15.45 -15.72 -1.42
C ASN A 527 -14.47 -15.32 -0.34
N LEU A 528 -14.17 -16.25 0.57
CA LEU A 528 -13.38 -15.97 1.76
C LEU A 528 -11.99 -16.59 1.63
N SER A 529 -11.00 -15.87 2.09
CA SER A 529 -9.62 -16.34 2.08
C SER A 529 -8.94 -16.20 3.43
N THR A 530 -9.25 -15.14 4.18
CA THR A 530 -8.54 -14.81 5.40
C THR A 530 -9.48 -14.81 6.59
N ARG A 531 -8.90 -14.92 7.79
CA ARG A 531 -9.70 -14.85 9.00
C ARG A 531 -10.42 -13.52 9.10
N MET A 532 -9.79 -12.43 8.66
CA MET A 532 -10.46 -11.14 8.69
C MET A 532 -11.67 -11.12 7.76
N ASP A 533 -11.62 -11.84 6.64
CA ASP A 533 -12.80 -12.01 5.81
C ASP A 533 -13.93 -12.67 6.60
N HIS A 534 -13.63 -13.80 7.25
CA HIS A 534 -14.64 -14.49 8.06
C HIS A 534 -15.24 -13.55 9.08
N MET A 535 -14.38 -12.86 9.83
CA MET A 535 -14.86 -11.98 10.89
C MET A 535 -15.76 -10.89 10.33
N VAL A 536 -15.33 -10.24 9.26
CA VAL A 536 -16.09 -9.13 8.69
C VAL A 536 -17.44 -9.61 8.16
N SER A 537 -17.45 -10.75 7.46
CA SER A 537 -18.68 -11.24 6.87
C SER A 537 -19.61 -11.86 7.91
N SER A 538 -19.05 -12.46 8.97
CA SER A 538 -19.91 -12.95 10.06
C SER A 538 -20.64 -11.80 10.73
N PHE A 539 -19.94 -10.69 10.96
CA PHE A 539 -20.56 -9.52 11.58
C PHE A 539 -21.77 -9.06 10.78
N CYS A 540 -21.67 -9.05 9.45
CA CYS A 540 -22.73 -8.51 8.62
C CYS A 540 -23.89 -9.50 8.50
N ILE A 541 -23.59 -10.78 8.39
CA ILE A 541 -24.66 -11.79 8.28
C ILE A 541 -25.51 -11.81 9.53
N GLU A 542 -24.88 -11.65 10.70
CA GLU A 542 -25.63 -11.63 11.95
C GLU A 542 -26.59 -10.46 12.03
N ASN A 543 -26.37 -9.41 11.26
CA ASN A 543 -27.22 -8.22 11.28
C ASN A 543 -28.24 -8.22 10.14
N CYS A 544 -28.61 -9.41 9.65
CA CYS A 544 -29.75 -9.55 8.75
C CYS A 544 -31.02 -9.77 9.55
N HIS A 545 -32.13 -9.24 9.04
CA HIS A 545 -33.41 -9.43 9.70
C HIS A 545 -33.76 -10.92 9.78
N ARG A 546 -34.40 -11.30 10.87
CA ARG A 546 -34.79 -12.68 11.11
C ARG A 546 -36.28 -12.71 11.44
N VAL A 547 -37.07 -13.32 10.57
CA VAL A 547 -38.50 -13.44 10.79
C VAL A 547 -38.77 -14.52 11.84
MG MG B . 4.87 -0.16 -1.28
PB ADP C . 3.24 -2.28 0.73
O1B ADP C . 4.36 -1.85 -0.16
O2B ADP C . 2.64 -3.60 0.34
O3B ADP C . 2.27 -1.18 1.08
PA ADP C . 5.25 -1.87 2.59
O1A ADP C . 6.40 -2.82 2.40
O2A ADP C . 5.26 -0.51 1.95
O3A ADP C . 3.91 -2.63 2.15
O5' ADP C . 5.06 -1.65 4.17
C5' ADP C . 5.86 -0.66 4.79
C4' ADP C . 5.77 -0.78 6.30
O4' ADP C . 5.31 -2.09 6.67
C3' ADP C . 7.12 -0.54 6.98
O3' ADP C . 7.10 0.68 7.73
C2' ADP C . 7.34 -1.74 7.89
O2' ADP C . 7.39 -1.34 9.26
C1' ADP C . 6.17 -2.68 7.65
N9 ADP C . 6.66 -3.99 7.14
C8 ADP C . 6.26 -4.55 5.98
N7 ADP C . 6.86 -5.75 5.80
C5 ADP C . 7.66 -5.97 6.85
C6 ADP C . 8.58 -7.03 7.28
N6 ADP C . 8.76 -8.12 6.50
N1 ADP C . 9.24 -6.88 8.45
C2 ADP C . 9.06 -5.79 9.22
N3 ADP C . 8.24 -4.78 8.89
C4 ADP C . 7.52 -4.80 7.74
C1 XE3 D . -6.19 -4.02 0.89
C2 XE3 D . -7.28 -4.22 1.70
C3 XE3 D . -5.55 -3.93 2.91
C4 XE3 D . -5.38 -3.64 5.39
C5 XE3 D . -6.29 -4.59 5.88
C6 XE3 D . -6.83 -4.45 7.17
N1 XE3 D . -5.08 -3.81 1.68
N2 XE3 D . -4.88 -3.83 4.10
N3 XE3 D . -9.13 -5.02 -2.84
O1 XE3 D . -6.88 -4.18 3.01
C7 XE3 D . -6.43 -3.37 7.98
C8 XE3 D . -5.52 -2.42 7.50
C9 XE3 D . -4.98 -2.55 6.20
C10 XE3 D . -7.81 -5.47 7.72
C11 XE3 D . -3.99 -1.51 5.72
C12 XE3 D . -10.28 -4.10 -2.89
C13 XE3 D . -11.54 -4.73 -3.48
C14 XE3 D . -10.96 -6.42 -5.09
C15 XE3 D . -9.50 -6.68 -4.71
O2 XE3 D . -6.71 -5.31 -3.57
N XE3 D . -7.23 -4.48 -1.22
C XE3 D . -6.12 -3.96 -0.58
O XE3 D . -5.20 -3.43 -1.18
C16 XE3 D . -9.25 -6.44 -3.21
F XE3 D . -8.60 -5.90 6.73
F1 XE3 D . -7.14 -6.48 8.22
F2 XE3 D . -8.60 -4.94 8.66
O3 XE3 D . -7.59 -2.94 -3.18
O4 XE3 D . -11.32 -5.07 -4.85
S XE3 D . -7.56 -4.37 -2.86
#